data_3VRF
#
_entry.id   3VRF
#
_cell.length_a   109.486
_cell.length_b   61.790
_cell.length_c   53.570
_cell.angle_alpha   90.00
_cell.angle_beta   110.35
_cell.angle_gamma   90.00
#
_symmetry.space_group_name_H-M   'C 1 2 1'
#
loop_
_entity.id
_entity.type
_entity.pdbx_description
1 polymer 'Hemoglobin subunit alpha'
2 polymer 'Hemoglobin subunit beta/delta hybrid'
3 non-polymer 'PROTOPORPHYRIN IX CONTAINING FE'
4 non-polymer 'CARBON MONOXIDE'
5 water water
#
loop_
_entity_poly.entity_id
_entity_poly.type
_entity_poly.pdbx_seq_one_letter_code
_entity_poly.pdbx_strand_id
1 'polypeptide(L)'
;VLSDNDKTNVKATWSKVGDHASDYVAEALERMFFSFPTTKTYFPHFDLSHGSGQVKGHGKKVGEALTQAVGHLDDLPSAL
SALSDLHAHKLRVDPVNFKLLSHCLLVTLSSHQPTEFTPEVHASLDKFLSNVSTVLTSKYR
;
A
2 'polypeptide(L)'
;VNLTAAEKTQVANLWGKVNVKELGGEALSRLLVVYPWTRRFFEHFGDLSTADAVLHNAKVLAHGEKVLTSFGEGLKHLDN
LKGTFSDLSELHCDKLHVDPQNFRLLGNVLVIVLARHFGKEFTPDVQAAYEKVVAGVANALAHKYH
;
B
#
# COMPACT_ATOMS: atom_id res chain seq x y z
N VAL A 1 -13.10 -9.58 14.88
CA VAL A 1 -13.64 -10.15 13.60
C VAL A 1 -14.11 -9.02 12.66
N LEU A 2 -13.96 -9.21 11.35
CA LEU A 2 -14.38 -8.20 10.36
C LEU A 2 -15.88 -7.96 10.40
N SER A 3 -16.28 -6.73 10.14
CA SER A 3 -17.70 -6.38 10.04
C SER A 3 -18.35 -7.13 8.87
N ASP A 4 -19.67 -7.27 8.89
CA ASP A 4 -20.38 -7.94 7.82
C ASP A 4 -20.10 -7.39 6.42
N ASN A 5 -20.08 -6.08 6.28
CA ASN A 5 -19.85 -5.46 5.02
C ASN A 5 -18.41 -5.80 4.49
N ASP A 6 -17.44 -5.73 5.41
CA ASP A 6 -16.07 -6.09 5.01
C ASP A 6 -15.94 -7.54 4.67
N LYS A 7 -16.60 -8.44 5.43
CA LYS A 7 -16.55 -9.87 5.06
C LYS A 7 -17.10 -10.08 3.65
N THR A 8 -18.20 -9.43 3.34
CA THR A 8 -18.76 -9.57 2.00
C THR A 8 -17.83 -9.09 0.91
N ASN A 9 -17.24 -7.93 1.14
CA ASN A 9 -16.32 -7.40 0.14
C ASN A 9 -15.10 -8.35 -0.04
N VAL A 10 -14.55 -8.86 1.07
CA VAL A 10 -13.35 -9.72 0.99
C VAL A 10 -13.72 -11.04 0.25
N LYS A 11 -14.90 -11.61 0.58
CA LYS A 11 -15.21 -12.88 -0.08
C LYS A 11 -15.48 -12.65 -1.59
N ALA A 12 -16.10 -11.52 -1.95
CA ALA A 12 -16.37 -11.15 -3.37
C ALA A 12 -15.05 -10.99 -4.08
N THR A 13 -14.10 -10.18 -3.46
CA THR A 13 -12.86 -9.99 -4.10
C THR A 13 -12.06 -11.27 -4.29
N TRP A 14 -11.97 -12.09 -3.26
CA TRP A 14 -11.27 -13.38 -3.38
C TRP A 14 -11.87 -14.29 -4.41
N SER A 15 -13.19 -14.24 -4.53
CA SER A 15 -13.81 -15.08 -5.58
C SER A 15 -13.42 -14.64 -6.96
N LYS A 16 -13.20 -13.33 -7.18
CA LYS A 16 -12.80 -12.77 -8.47
C LYS A 16 -11.33 -13.05 -8.74
N VAL A 17 -10.54 -13.15 -7.68
CA VAL A 17 -9.13 -13.54 -7.85
C VAL A 17 -9.16 -14.99 -8.30
N GLY A 18 -10.00 -15.82 -7.66
CA GLY A 18 -10.18 -17.20 -8.15
C GLY A 18 -8.87 -17.98 -8.24
N ASP A 19 -8.70 -18.64 -9.37
CA ASP A 19 -7.49 -19.46 -9.61
C ASP A 19 -6.25 -18.65 -9.87
N HIS A 20 -6.36 -17.32 -9.86
CA HIS A 20 -5.14 -16.52 -9.95
C HIS A 20 -4.47 -16.31 -8.62
N ALA A 21 -5.02 -16.81 -7.51
CA ALA A 21 -4.43 -16.54 -6.15
C ALA A 21 -2.94 -16.85 -6.11
N SER A 22 -2.51 -18.05 -6.54
CA SER A 22 -1.11 -18.42 -6.37
C SER A 22 -0.21 -17.47 -7.19
N ASP A 23 -0.58 -17.15 -8.43
CA ASP A 23 0.21 -16.25 -9.25
C ASP A 23 0.24 -14.84 -8.63
N TYR A 24 -0.91 -14.35 -8.15
CA TYR A 24 -0.91 -13.02 -7.60
C TYR A 24 -0.09 -12.94 -6.31
N VAL A 25 -0.20 -13.94 -5.45
CA VAL A 25 0.66 -13.88 -4.22
C VAL A 25 2.12 -14.02 -4.55
N ALA A 26 2.50 -14.92 -5.48
CA ALA A 26 3.88 -14.95 -5.87
C ALA A 26 4.38 -13.61 -6.36
N GLU A 27 3.57 -12.90 -7.16
CA GLU A 27 3.93 -11.55 -7.63
C GLU A 27 4.07 -10.55 -6.45
N ALA A 28 3.15 -10.68 -5.50
CA ALA A 28 3.25 -9.81 -4.27
C ALA A 28 4.51 -10.02 -3.51
N LEU A 29 4.93 -11.30 -3.40
CA LEU A 29 6.21 -11.59 -2.69
C LEU A 29 7.34 -10.95 -3.52
N GLU A 30 7.36 -11.08 -4.88
CA GLU A 30 8.42 -10.50 -5.69
C GLU A 30 8.43 -8.98 -5.51
N ARG A 31 7.24 -8.35 -5.53
CA ARG A 31 7.15 -6.94 -5.30
C ARG A 31 7.75 -6.56 -3.94
N MET A 32 7.50 -7.33 -2.92
CA MET A 32 8.05 -7.04 -1.57
C MET A 32 9.56 -7.16 -1.58
N PHE A 33 10.06 -8.24 -2.15
CA PHE A 33 11.53 -8.37 -2.15
C PHE A 33 12.26 -7.30 -2.97
N PHE A 34 11.69 -6.89 -4.08
CA PHE A 34 12.25 -5.85 -4.93
C PHE A 34 12.16 -4.47 -4.30
N SER A 35 11.00 -4.21 -3.66
CA SER A 35 10.77 -2.84 -3.18
C SER A 35 11.35 -2.63 -1.80
N PHE A 36 11.39 -3.69 -1.01
CA PHE A 36 11.77 -3.58 0.40
C PHE A 36 12.83 -4.67 0.66
N PRO A 37 14.08 -4.37 0.30
CA PRO A 37 15.11 -5.44 0.26
C PRO A 37 15.44 -5.98 1.66
N THR A 38 15.10 -5.26 2.71
CA THR A 38 15.23 -5.83 4.04
C THR A 38 14.51 -7.18 4.23
N THR A 39 13.42 -7.36 3.47
CA THR A 39 12.61 -8.58 3.62
C THR A 39 13.31 -9.80 3.03
N LYS A 40 14.26 -9.56 2.13
CA LYS A 40 14.97 -10.72 1.46
C LYS A 40 15.71 -11.54 2.48
N THR A 41 16.13 -10.93 3.59
CA THR A 41 16.94 -11.74 4.55
C THR A 41 16.18 -12.84 5.26
N TYR A 42 14.83 -12.91 5.12
CA TYR A 42 14.11 -14.06 5.70
C TYR A 42 14.15 -15.27 4.78
N PHE A 43 14.60 -15.02 3.55
CA PHE A 43 14.63 -16.11 2.54
C PHE A 43 16.02 -16.37 1.91
N PRO A 44 17.09 -16.43 2.73
CA PRO A 44 18.42 -16.68 2.18
C PRO A 44 18.45 -18.03 1.49
N HIS A 45 17.56 -18.93 1.83
CA HIS A 45 17.59 -20.27 1.25
C HIS A 45 16.90 -20.34 -0.08
N PHE A 46 16.23 -19.24 -0.50
CA PHE A 46 15.60 -19.15 -1.81
C PHE A 46 16.38 -18.42 -2.84
N ASP A 47 16.24 -18.88 -4.09
CA ASP A 47 16.52 -18.03 -5.23
C ASP A 47 15.37 -17.02 -5.32
N LEU A 48 15.73 -15.74 -5.22
CA LEU A 48 14.74 -14.63 -5.26
C LEU A 48 14.70 -13.89 -6.56
N SER A 49 15.45 -14.38 -7.55
CA SER A 49 15.41 -13.72 -8.82
C SER A 49 14.02 -14.00 -9.47
N HIS A 50 13.61 -13.13 -10.38
CA HIS A 50 12.37 -13.39 -11.13
C HIS A 50 12.20 -14.82 -11.76
N GLY A 51 11.01 -15.43 -11.66
CA GLY A 51 10.79 -16.79 -12.19
C GLY A 51 11.22 -17.90 -11.29
N SER A 52 11.59 -17.54 -10.07
CA SER A 52 12.01 -18.48 -9.10
C SER A 52 10.94 -19.52 -8.81
N GLY A 53 11.29 -20.79 -8.99
CA GLY A 53 10.41 -21.85 -8.55
C GLY A 53 10.09 -21.80 -7.07
N GLN A 54 11.07 -21.41 -6.24
CA GLN A 54 10.83 -21.41 -4.79
C GLN A 54 9.81 -20.28 -4.48
N VAL A 55 9.96 -19.17 -5.15
CA VAL A 55 9.04 -18.03 -4.85
C VAL A 55 7.65 -18.41 -5.36
N LYS A 56 7.60 -19.03 -6.54
CA LYS A 56 6.30 -19.46 -7.07
C LYS A 56 5.64 -20.49 -6.17
N GLY A 57 6.41 -21.50 -5.70
CA GLY A 57 5.86 -22.46 -4.76
C GLY A 57 5.36 -21.89 -3.44
N HIS A 58 6.17 -20.93 -2.97
CA HIS A 58 5.80 -20.25 -1.75
C HIS A 58 4.55 -19.41 -1.90
N GLY A 59 4.43 -18.73 -3.03
CA GLY A 59 3.22 -17.96 -3.32
C GLY A 59 1.99 -18.85 -3.28
N LYS A 60 2.13 -20.07 -3.80
CA LYS A 60 0.97 -20.96 -3.76
C LYS A 60 0.60 -21.26 -2.32
N LYS A 61 1.57 -21.54 -1.45
CA LYS A 61 1.27 -21.86 -0.06
C LYS A 61 0.63 -20.68 0.71
N VAL A 62 1.25 -19.50 0.49
CA VAL A 62 0.71 -18.30 1.16
C VAL A 62 -0.71 -18.01 0.65
N GLY A 63 -0.88 -18.10 -0.68
CA GLY A 63 -2.26 -17.98 -1.23
C GLY A 63 -3.24 -18.97 -0.65
N GLU A 64 -2.81 -20.23 -0.43
CA GLU A 64 -3.69 -21.19 0.22
C GLU A 64 -4.08 -20.80 1.64
N ALA A 65 -3.13 -20.27 2.40
CA ALA A 65 -3.44 -19.81 3.70
C ALA A 65 -4.40 -18.62 3.70
N LEU A 66 -4.20 -17.69 2.74
CA LEU A 66 -5.17 -16.59 2.64
C LEU A 66 -6.56 -17.11 2.26
N THR A 67 -6.61 -18.11 1.37
CA THR A 67 -7.93 -18.71 0.98
C THR A 67 -8.57 -19.34 2.19
N GLN A 68 -7.78 -20.03 3.02
CA GLN A 68 -8.31 -20.57 4.28
C GLN A 68 -8.84 -19.49 5.20
N ALA A 69 -8.10 -18.37 5.28
CA ALA A 69 -8.55 -17.28 6.12
C ALA A 69 -9.87 -16.71 5.65
N VAL A 70 -10.02 -16.51 4.34
CA VAL A 70 -11.25 -15.93 3.80
C VAL A 70 -12.44 -16.87 4.12
N GLY A 71 -12.16 -18.15 4.24
CA GLY A 71 -13.20 -19.13 4.67
C GLY A 71 -13.44 -19.26 6.16
N HIS A 72 -12.63 -18.58 6.99
CA HIS A 72 -12.67 -18.77 8.47
C HIS A 72 -12.58 -17.44 9.15
N LEU A 73 -13.31 -16.46 8.63
CA LEU A 73 -13.14 -15.09 9.18
C LEU A 73 -13.56 -14.97 10.64
N ASP A 74 -14.42 -15.90 11.08
CA ASP A 74 -14.82 -15.88 12.50
C ASP A 74 -13.96 -16.68 13.46
N ASP A 75 -12.91 -17.35 12.96
CA ASP A 75 -12.03 -18.12 13.85
C ASP A 75 -10.62 -18.14 13.27
N LEU A 76 -10.16 -16.96 12.90
CA LEU A 76 -8.78 -16.86 12.42
C LEU A 76 -7.72 -17.33 13.38
N PRO A 77 -7.90 -17.09 14.71
CA PRO A 77 -6.87 -17.59 15.62
C PRO A 77 -6.65 -19.11 15.57
N SER A 78 -7.72 -19.88 15.57
CA SER A 78 -7.56 -21.30 15.42
C SER A 78 -7.16 -21.73 14.03
N ALA A 79 -7.74 -21.11 13.00
CA ALA A 79 -7.45 -21.54 11.64
C ALA A 79 -5.96 -21.31 11.30
N LEU A 80 -5.39 -20.24 11.85
CA LEU A 80 -4.00 -19.89 11.54
C LEU A 80 -3.04 -20.22 12.65
N SER A 81 -3.43 -21.04 13.63
CA SER A 81 -2.58 -21.17 14.85
C SER A 81 -1.18 -21.68 14.57
N ALA A 82 -1.02 -22.66 13.70
CA ALA A 82 0.31 -23.20 13.41
C ALA A 82 1.15 -22.15 12.67
N LEU A 83 0.47 -21.35 11.84
CA LEU A 83 1.26 -20.31 11.16
C LEU A 83 1.65 -19.21 12.12
N SER A 84 0.85 -18.92 13.13
CA SER A 84 1.23 -17.92 14.11
C SER A 84 2.47 -18.38 14.83
N ASP A 85 2.48 -19.67 15.22
CA ASP A 85 3.67 -20.18 15.93
C ASP A 85 4.90 -20.11 15.03
N LEU A 86 4.79 -20.47 13.75
CA LEU A 86 5.87 -20.40 12.82
C LEU A 86 6.43 -18.99 12.70
N HIS A 87 5.53 -18.01 12.50
CA HIS A 87 6.05 -16.70 12.13
C HIS A 87 6.51 -15.93 13.36
N ALA A 88 5.86 -16.09 14.50
CA ALA A 88 6.24 -15.24 15.61
C ALA A 88 7.24 -15.96 16.50
N HIS A 89 7.07 -17.25 16.71
CA HIS A 89 7.96 -17.98 17.59
C HIS A 89 9.23 -18.49 16.91
N LYS A 90 9.12 -19.20 15.81
CA LYS A 90 10.24 -19.80 15.13
C LYS A 90 11.01 -18.81 14.28
N LEU A 91 10.30 -18.06 13.43
CA LEU A 91 10.97 -17.21 12.49
C LEU A 91 11.27 -15.77 13.02
N ARG A 92 10.51 -15.39 14.02
CA ARG A 92 10.65 -14.03 14.65
C ARG A 92 10.50 -12.92 13.59
N VAL A 93 9.46 -13.06 12.74
CA VAL A 93 9.27 -12.04 11.73
C VAL A 93 8.86 -10.67 12.39
N ASP A 94 9.56 -9.65 11.96
CA ASP A 94 9.30 -8.28 12.48
C ASP A 94 7.87 -7.89 12.02
N PRO A 95 7.03 -7.41 12.92
CA PRO A 95 5.68 -7.03 12.57
C PRO A 95 5.62 -6.05 11.42
N VAL A 96 6.60 -5.18 11.23
CA VAL A 96 6.58 -4.19 10.12
C VAL A 96 6.47 -4.98 8.81
N ASN A 97 7.05 -6.18 8.75
CA ASN A 97 7.13 -6.83 7.45
C ASN A 97 5.77 -7.32 6.96
N PHE A 98 4.88 -7.61 7.87
CA PHE A 98 3.49 -7.98 7.48
C PHE A 98 2.84 -6.76 6.81
N LYS A 99 3.12 -5.54 7.25
CA LYS A 99 2.57 -4.38 6.57
C LYS A 99 3.07 -4.31 5.18
N LEU A 100 4.37 -4.62 5.02
CA LEU A 100 4.98 -4.49 3.65
C LEU A 100 4.37 -5.53 2.73
N LEU A 101 4.23 -6.79 3.17
CA LEU A 101 3.63 -7.78 2.31
C LEU A 101 2.18 -7.42 2.06
N SER A 102 1.46 -6.92 3.09
CA SER A 102 0.02 -6.58 2.84
C SER A 102 -0.05 -5.47 1.78
N HIS A 103 0.82 -4.46 1.85
CA HIS A 103 0.78 -3.40 0.87
C HIS A 103 1.08 -3.96 -0.50
N CYS A 104 2.03 -4.87 -0.62
CA CYS A 104 2.35 -5.41 -1.94
C CYS A 104 1.24 -6.32 -2.50
N LEU A 105 0.49 -6.99 -1.62
CA LEU A 105 -0.74 -7.72 -2.04
C LEU A 105 -1.75 -6.71 -2.57
N LEU A 106 -1.97 -5.58 -1.91
CA LEU A 106 -2.93 -4.61 -2.42
C LEU A 106 -2.46 -4.03 -3.76
N VAL A 107 -1.16 -3.75 -3.93
CA VAL A 107 -0.63 -3.25 -5.20
C VAL A 107 -0.92 -4.31 -6.26
N THR A 108 -0.64 -5.57 -5.97
CA THR A 108 -0.80 -6.60 -6.99
C THR A 108 -2.26 -6.75 -7.41
N LEU A 109 -3.17 -6.73 -6.47
CA LEU A 109 -4.64 -6.83 -6.76
C LEU A 109 -5.07 -5.61 -7.53
N SER A 110 -4.66 -4.41 -7.10
CA SER A 110 -5.05 -3.18 -7.81
C SER A 110 -4.58 -3.21 -9.25
N SER A 111 -3.37 -3.76 -9.50
CA SER A 111 -2.80 -3.73 -10.88
C SER A 111 -3.58 -4.70 -11.78
N HIS A 112 -3.98 -5.83 -11.22
CA HIS A 112 -4.54 -6.92 -12.04
C HIS A 112 -6.01 -6.77 -12.22
N GLN A 113 -6.71 -6.25 -11.21
CA GLN A 113 -8.18 -6.08 -11.19
C GLN A 113 -8.61 -4.63 -10.86
N PRO A 114 -8.22 -3.75 -11.76
CA PRO A 114 -8.43 -2.33 -11.41
C PRO A 114 -9.87 -1.95 -11.26
N THR A 115 -10.79 -2.52 -12.07
CA THR A 115 -12.13 -2.08 -11.97
C THR A 115 -12.78 -2.53 -10.65
N GLU A 116 -12.32 -3.68 -10.15
CA GLU A 116 -12.86 -4.30 -8.95
C GLU A 116 -12.28 -3.64 -7.72
N PHE A 117 -11.15 -2.96 -7.90
CA PHE A 117 -10.40 -2.49 -6.71
C PHE A 117 -10.89 -1.07 -6.35
N THR A 118 -12.12 -0.94 -5.94
CA THR A 118 -12.70 0.37 -5.56
C THR A 118 -12.14 0.83 -4.21
N PRO A 119 -12.40 2.04 -3.78
CA PRO A 119 -11.91 2.49 -2.47
C PRO A 119 -12.53 1.62 -1.36
N GLU A 120 -13.81 1.25 -1.50
CA GLU A 120 -14.43 0.40 -0.44
C GLU A 120 -13.81 -1.01 -0.40
N VAL A 121 -13.49 -1.60 -1.55
CA VAL A 121 -12.84 -2.90 -1.59
C VAL A 121 -11.41 -2.77 -1.00
N HIS A 122 -10.67 -1.73 -1.37
CA HIS A 122 -9.37 -1.46 -0.78
C HIS A 122 -9.48 -1.42 0.74
N ALA A 123 -10.41 -0.62 1.26
CA ALA A 123 -10.53 -0.54 2.72
C ALA A 123 -10.82 -1.92 3.36
N SER A 124 -11.73 -2.69 2.76
CA SER A 124 -12.04 -3.99 3.37
C SER A 124 -10.89 -4.98 3.27
N LEU A 125 -10.15 -4.97 2.18
CA LEU A 125 -9.01 -5.87 2.04
C LEU A 125 -7.89 -5.44 3.00
N ASP A 126 -7.67 -4.10 3.17
CA ASP A 126 -6.64 -3.63 4.11
C ASP A 126 -7.01 -4.18 5.50
N LYS A 127 -8.30 -4.12 5.87
CA LYS A 127 -8.66 -4.61 7.19
C LYS A 127 -8.47 -6.10 7.27
N PHE A 128 -8.85 -6.84 6.25
CA PHE A 128 -8.62 -8.32 6.25
C PHE A 128 -7.12 -8.61 6.46
N LEU A 129 -6.24 -7.98 5.67
CA LEU A 129 -4.78 -8.30 5.75
C LEU A 129 -4.24 -7.86 7.11
N SER A 130 -4.77 -6.78 7.69
CA SER A 130 -4.36 -6.35 9.08
C SER A 130 -4.80 -7.45 10.01
N ASN A 131 -6.00 -8.00 9.84
CA ASN A 131 -6.48 -8.95 10.84
C ASN A 131 -5.62 -10.22 10.70
N VAL A 132 -5.35 -10.69 9.49
CA VAL A 132 -4.46 -11.87 9.31
C VAL A 132 -3.10 -11.59 9.96
N SER A 133 -2.58 -10.37 9.75
CA SER A 133 -1.23 -10.05 10.28
C SER A 133 -1.24 -10.02 11.76
N THR A 134 -2.31 -9.49 12.35
CA THR A 134 -2.44 -9.47 13.85
C THR A 134 -2.46 -10.87 14.37
N VAL A 135 -3.17 -11.78 13.70
CA VAL A 135 -3.21 -13.17 14.21
C VAL A 135 -1.80 -13.81 14.10
N LEU A 136 -1.10 -13.59 12.99
CA LEU A 136 0.22 -14.20 12.77
C LEU A 136 1.28 -13.66 13.74
N THR A 137 1.04 -12.48 14.30
CA THR A 137 2.03 -11.86 15.24
C THR A 137 1.46 -11.95 16.68
N SER A 138 0.47 -12.77 16.95
CA SER A 138 -0.24 -12.73 18.26
C SER A 138 0.65 -13.14 19.41
N LYS A 139 1.69 -13.93 19.14
CA LYS A 139 2.62 -14.30 20.21
C LYS A 139 3.33 -13.07 20.79
N TYR A 140 3.48 -12.01 20.00
CA TYR A 140 4.08 -10.76 20.50
C TYR A 140 3.07 -10.02 21.35
N ARG A 141 2.01 -10.78 21.64
CA ARG A 141 0.69 -10.40 22.07
C ARG A 141 0.30 -8.97 21.68
N VAL B 1 17.07 9.82 -1.13
CA VAL B 1 16.67 8.93 -2.26
C VAL B 1 17.89 8.60 -3.09
N ASN B 2 18.11 7.31 -3.32
CA ASN B 2 19.06 6.93 -4.35
C ASN B 2 18.56 5.95 -5.40
N LEU B 3 18.17 6.56 -6.51
CA LEU B 3 17.62 5.88 -7.64
C LEU B 3 18.74 5.58 -8.60
N THR B 4 18.68 4.40 -9.21
CA THR B 4 19.62 4.09 -10.29
C THR B 4 19.22 4.95 -11.48
N ALA B 5 20.05 5.00 -12.52
CA ALA B 5 19.70 5.81 -13.69
C ALA B 5 18.48 5.23 -14.38
N ALA B 6 18.39 3.90 -14.40
CA ALA B 6 17.26 3.17 -14.98
C ALA B 6 15.96 3.51 -14.22
N GLU B 7 16.05 3.60 -12.90
CA GLU B 7 14.88 3.95 -12.06
C GLU B 7 14.46 5.42 -12.29
N LYS B 8 15.42 6.34 -12.44
CA LYS B 8 15.08 7.74 -12.73
C LYS B 8 14.25 7.83 -13.99
N THR B 9 14.62 7.10 -15.04
CA THR B 9 13.81 7.13 -16.26
C THR B 9 12.47 6.40 -16.17
N GLN B 10 12.39 5.32 -15.39
CA GLN B 10 11.11 4.69 -15.17
C GLN B 10 10.16 5.69 -14.48
N VAL B 11 10.67 6.39 -13.47
CA VAL B 11 9.82 7.29 -12.66
C VAL B 11 9.29 8.42 -13.56
N ALA B 12 10.19 9.01 -14.36
CA ALA B 12 9.84 10.15 -15.19
C ALA B 12 8.93 9.73 -16.31
N ASN B 13 9.13 8.57 -16.90
CA ASN B 13 8.26 8.09 -17.97
C ASN B 13 6.81 7.84 -17.49
N LEU B 14 6.66 7.22 -16.31
CA LEU B 14 5.32 6.94 -15.85
C LEU B 14 4.61 8.26 -15.53
N TRP B 15 5.34 9.16 -14.86
CA TRP B 15 4.72 10.44 -14.43
C TRP B 15 4.22 11.27 -15.60
N GLY B 16 4.92 11.09 -16.74
CA GLY B 16 4.45 11.78 -17.91
C GLY B 16 3.07 11.42 -18.41
N LYS B 17 2.53 10.28 -17.98
CA LYS B 17 1.27 9.77 -18.37
C LYS B 17 0.20 9.98 -17.25
N VAL B 18 0.62 10.64 -16.18
CA VAL B 18 -0.36 10.79 -15.04
C VAL B 18 -1.32 11.99 -15.25
N ASN B 19 -2.60 11.68 -15.15
CA ASN B 19 -3.68 12.69 -15.04
C ASN B 19 -3.77 13.12 -13.59
N VAL B 20 -3.18 14.24 -13.29
CA VAL B 20 -3.06 14.67 -11.86
C VAL B 20 -4.40 15.01 -11.25
N LYS B 21 -5.36 15.45 -12.03
CA LYS B 21 -6.74 15.72 -11.52
C LYS B 21 -7.40 14.40 -11.12
N GLU B 22 -7.43 13.44 -12.02
CA GLU B 22 -8.13 12.16 -11.76
C GLU B 22 -7.41 11.38 -10.69
N LEU B 23 -6.09 11.19 -10.84
CA LEU B 23 -5.38 10.32 -9.85
C LEU B 23 -5.21 11.08 -8.58
N GLY B 24 -5.09 12.41 -8.56
CA GLY B 24 -4.89 13.13 -7.26
C GLY B 24 -6.19 13.10 -6.44
N GLY B 25 -7.33 13.25 -7.06
CA GLY B 25 -8.62 13.12 -6.31
C GLY B 25 -8.74 11.71 -5.80
N GLU B 26 -8.34 10.72 -6.60
CA GLU B 26 -8.48 9.35 -6.20
C GLU B 26 -7.58 9.05 -4.99
N ALA B 27 -6.34 9.53 -5.05
CA ALA B 27 -5.41 9.24 -3.93
C ALA B 27 -5.89 9.85 -2.65
N LEU B 28 -6.29 11.14 -2.66
CA LEU B 28 -6.68 11.71 -1.39
C LEU B 28 -7.99 11.12 -0.88
N SER B 29 -8.93 10.85 -1.76
CA SER B 29 -10.19 10.27 -1.28
C SER B 29 -9.88 8.87 -0.77
N ARG B 30 -8.99 8.07 -1.39
CA ARG B 30 -8.72 6.74 -0.82
C ARG B 30 -8.04 6.85 0.54
N LEU B 31 -7.19 7.85 0.78
CA LEU B 31 -6.59 8.00 2.12
C LEU B 31 -7.68 8.17 3.14
N LEU B 32 -8.63 9.02 2.88
CA LEU B 32 -9.69 9.32 3.86
C LEU B 32 -10.65 8.15 4.02
N VAL B 33 -10.85 7.30 3.01
CA VAL B 33 -11.70 6.12 3.11
C VAL B 33 -10.99 5.05 3.88
N VAL B 34 -9.74 4.78 3.50
CA VAL B 34 -9.05 3.62 4.06
C VAL B 34 -8.49 3.88 5.47
N TYR B 35 -8.14 5.15 5.76
CA TYR B 35 -7.53 5.48 7.10
C TYR B 35 -8.38 6.62 7.68
N PRO B 36 -9.56 6.30 8.24
CA PRO B 36 -10.57 7.35 8.48
C PRO B 36 -10.19 8.45 9.44
N TRP B 37 -9.19 8.18 10.33
CA TRP B 37 -8.77 9.24 11.21
C TRP B 37 -8.21 10.42 10.44
N THR B 38 -7.76 10.19 9.17
CA THR B 38 -7.22 11.34 8.46
C THR B 38 -8.26 12.39 8.14
N ARG B 39 -9.57 12.01 8.20
CA ARG B 39 -10.67 12.98 8.00
C ARG B 39 -10.60 14.12 9.02
N ARG B 40 -9.99 13.88 10.17
CA ARG B 40 -9.91 14.97 11.22
C ARG B 40 -9.33 16.22 10.61
N PHE B 41 -8.35 16.11 9.72
CA PHE B 41 -7.67 17.32 9.17
C PHE B 41 -8.43 18.07 8.11
N PHE B 42 -9.50 17.45 7.67
CA PHE B 42 -10.28 18.01 6.51
C PHE B 42 -11.73 18.30 6.86
N GLU B 43 -12.04 18.41 8.16
CA GLU B 43 -13.44 18.52 8.57
C GLU B 43 -14.10 19.77 7.98
N HIS B 44 -13.28 20.77 7.72
CA HIS B 44 -13.73 22.04 7.14
C HIS B 44 -14.03 21.94 5.65
N PHE B 45 -13.73 20.81 5.02
CA PHE B 45 -14.16 20.51 3.63
C PHE B 45 -15.56 19.97 3.54
N GLY B 46 -16.34 20.04 4.63
CA GLY B 46 -17.74 19.61 4.44
C GLY B 46 -17.97 18.20 4.83
N ASP B 47 -18.89 17.54 4.12
CA ASP B 47 -19.39 16.26 4.59
C ASP B 47 -18.31 15.18 4.35
N LEU B 48 -17.78 14.60 5.44
CA LEU B 48 -16.80 13.45 5.41
C LEU B 48 -17.35 12.27 6.26
N SER B 49 -18.67 12.24 6.44
CA SER B 49 -19.21 11.35 7.44
C SER B 49 -19.19 9.87 7.05
N THR B 50 -19.17 9.61 5.73
CA THR B 50 -19.21 8.26 5.29
C THR B 50 -18.19 8.23 4.13
N ALA B 51 -17.84 7.02 3.70
CA ALA B 51 -16.99 6.89 2.54
C ALA B 51 -17.66 7.48 1.34
N ASP B 52 -18.94 7.28 1.17
CA ASP B 52 -19.61 7.86 -0.03
C ASP B 52 -19.53 9.40 0.00
N ALA B 53 -19.62 10.00 1.18
CA ALA B 53 -19.45 11.47 1.31
C ALA B 53 -18.03 11.90 0.91
N VAL B 54 -17.02 11.16 1.41
CA VAL B 54 -15.62 11.48 1.05
C VAL B 54 -15.45 11.45 -0.48
N LEU B 55 -15.97 10.38 -1.12
CA LEU B 55 -15.72 10.11 -2.53
C LEU B 55 -16.43 11.08 -3.43
N HIS B 56 -17.44 11.76 -2.87
CA HIS B 56 -18.12 12.78 -3.68
C HIS B 56 -17.81 14.21 -3.27
N ASN B 57 -16.84 14.36 -2.38
CA ASN B 57 -16.55 15.66 -1.87
C ASN B 57 -15.71 16.44 -2.86
N ALA B 58 -16.26 17.50 -3.49
CA ALA B 58 -15.58 18.25 -4.52
C ALA B 58 -14.28 18.90 -4.02
N LYS B 59 -14.22 19.30 -2.75
CA LYS B 59 -13.05 19.96 -2.23
C LYS B 59 -11.93 18.92 -2.01
N VAL B 60 -12.31 17.75 -1.44
CA VAL B 60 -11.30 16.66 -1.27
C VAL B 60 -10.75 16.32 -2.63
N LEU B 61 -11.57 16.19 -3.68
CA LEU B 61 -11.07 15.80 -4.99
C LEU B 61 -10.17 16.89 -5.56
N ALA B 62 -10.53 18.17 -5.42
CA ALA B 62 -9.73 19.27 -5.93
C ALA B 62 -8.39 19.33 -5.17
N HIS B 63 -8.44 19.08 -3.86
CA HIS B 63 -7.24 19.16 -3.06
C HIS B 63 -6.24 18.08 -3.45
N GLY B 64 -6.77 16.89 -3.78
CA GLY B 64 -5.90 15.85 -4.21
C GLY B 64 -5.07 16.20 -5.44
N GLU B 65 -5.66 16.96 -6.38
CA GLU B 65 -4.86 17.44 -7.53
C GLU B 65 -3.70 18.29 -7.08
N LYS B 66 -3.89 19.13 -6.04
CA LYS B 66 -2.78 19.93 -5.51
C LYS B 66 -1.65 19.11 -4.92
N VAL B 67 -2.07 18.08 -4.16
CA VAL B 67 -1.12 17.17 -3.58
C VAL B 67 -0.31 16.43 -4.64
N LEU B 68 -0.95 15.90 -5.70
CA LEU B 68 -0.15 15.19 -6.71
C LEU B 68 0.72 16.16 -7.54
N THR B 69 0.27 17.40 -7.72
CA THR B 69 1.10 18.38 -8.41
C THR B 69 2.36 18.62 -7.61
N SER B 70 2.19 18.64 -6.27
CA SER B 70 3.36 18.82 -5.39
C SER B 70 4.27 17.62 -5.44
N PHE B 71 3.73 16.39 -5.51
CA PHE B 71 4.54 15.16 -5.69
C PHE B 71 5.31 15.34 -7.00
N GLY B 72 4.67 15.79 -8.04
CA GLY B 72 5.40 15.98 -9.32
C GLY B 72 6.54 16.99 -9.20
N GLU B 73 6.39 18.02 -8.37
CA GLU B 73 7.54 18.93 -8.08
C GLU B 73 8.71 18.23 -7.41
N GLY B 74 8.39 17.34 -6.46
CA GLY B 74 9.40 16.37 -5.93
C GLY B 74 10.15 15.58 -7.01
N LEU B 75 9.41 15.11 -8.00
CA LEU B 75 10.03 14.28 -9.03
C LEU B 75 11.01 15.05 -9.88
N LYS B 76 10.88 16.35 -9.92
CA LYS B 76 11.78 17.21 -10.67
C LYS B 76 13.01 17.59 -9.90
N HIS B 77 13.05 17.23 -8.63
CA HIS B 77 14.07 17.73 -7.70
C HIS B 77 14.47 16.62 -6.76
N LEU B 78 14.75 15.44 -7.31
CA LEU B 78 15.01 14.26 -6.49
C LEU B 78 16.29 14.37 -5.63
N ASP B 79 17.16 15.28 -6.07
CA ASP B 79 18.43 15.59 -5.38
C ASP B 79 18.28 16.61 -4.25
N ASN B 80 17.10 17.20 -4.12
CA ASN B 80 16.85 18.22 -3.14
C ASN B 80 15.39 18.19 -2.71
N LEU B 81 14.96 17.01 -2.26
CA LEU B 81 13.58 16.94 -1.70
C LEU B 81 13.37 17.77 -0.48
N LYS B 82 14.41 17.86 0.39
CA LYS B 82 14.28 18.68 1.61
C LYS B 82 13.95 20.10 1.26
N GLY B 83 14.71 20.69 0.34
CA GLY B 83 14.38 22.07 0.00
C GLY B 83 13.07 22.26 -0.73
N THR B 84 12.74 21.29 -1.61
CA THR B 84 11.54 21.38 -2.43
C THR B 84 10.33 21.38 -1.54
N PHE B 85 10.40 20.59 -0.45
CA PHE B 85 9.25 20.46 0.46
C PHE B 85 9.37 21.25 1.75
N SER B 86 10.38 22.14 1.86
CA SER B 86 10.58 22.90 3.10
C SER B 86 9.32 23.64 3.59
N ASP B 87 8.75 24.44 2.72
CA ASP B 87 7.62 25.24 3.07
C ASP B 87 6.42 24.31 3.47
N LEU B 88 6.25 23.24 2.70
CA LEU B 88 5.13 22.33 2.95
C LEU B 88 5.34 21.56 4.28
N SER B 89 6.60 21.33 4.64
CA SER B 89 6.95 20.65 5.91
C SER B 89 6.58 21.58 7.04
N GLU B 90 6.94 22.86 6.93
CA GLU B 90 6.48 23.79 7.92
C GLU B 90 4.96 23.82 8.09
N LEU B 91 4.20 23.81 6.97
CA LEU B 91 2.75 23.84 7.03
C LEU B 91 2.22 22.58 7.74
N HIS B 92 2.70 21.42 7.32
CA HIS B 92 2.07 20.18 7.85
C HIS B 92 2.53 19.91 9.26
N CYS B 93 3.72 20.38 9.62
CA CYS B 93 4.29 20.04 10.95
C CYS B 93 3.91 21.16 11.86
N ASP B 94 4.29 22.39 11.52
CA ASP B 94 4.15 23.50 12.47
C ASP B 94 2.75 24.04 12.55
N LYS B 95 1.99 24.07 11.44
CA LYS B 95 0.65 24.61 11.45
C LYS B 95 -0.43 23.57 11.63
N LEU B 96 -0.32 22.46 10.89
CA LEU B 96 -1.38 21.45 10.88
C LEU B 96 -1.14 20.32 11.93
N HIS B 97 0.10 20.14 12.36
CA HIS B 97 0.48 19.02 13.31
C HIS B 97 -0.04 17.65 12.86
N VAL B 98 0.17 17.36 11.59
CA VAL B 98 -0.14 16.04 11.08
C VAL B 98 0.94 15.10 11.52
N ASP B 99 0.57 13.96 12.18
CA ASP B 99 1.63 13.03 12.46
C ASP B 99 2.30 12.50 11.19
N PRO B 100 3.64 12.47 11.13
CA PRO B 100 4.32 12.12 9.92
C PRO B 100 4.13 10.67 9.47
N GLN B 101 3.66 9.74 10.34
CA GLN B 101 3.28 8.44 9.84
C GLN B 101 2.28 8.53 8.69
N ASN B 102 1.40 9.52 8.74
CA ASN B 102 0.34 9.65 7.72
C ASN B 102 0.93 9.96 6.37
N PHE B 103 2.15 10.55 6.38
CA PHE B 103 2.75 10.85 5.04
C PHE B 103 3.07 9.56 4.35
N ARG B 104 3.54 8.56 5.07
CA ARG B 104 3.83 7.24 4.56
C ARG B 104 2.56 6.57 4.05
N LEU B 105 1.44 6.76 4.77
CA LEU B 105 0.20 6.13 4.32
C LEU B 105 -0.29 6.72 3.01
N LEU B 106 -0.15 8.04 2.88
CA LEU B 106 -0.57 8.64 1.61
C LEU B 106 0.36 8.15 0.48
N GLY B 107 1.65 8.04 0.73
CA GLY B 107 2.52 7.43 -0.29
C GLY B 107 2.08 6.03 -0.62
N ASN B 108 1.66 5.21 0.38
CA ASN B 108 1.19 3.87 0.09
C ASN B 108 0.01 3.93 -0.88
N VAL B 109 -0.97 4.83 -0.60
CA VAL B 109 -2.16 4.93 -1.40
C VAL B 109 -1.76 5.41 -2.82
N LEU B 110 -0.82 6.35 -2.93
CA LEU B 110 -0.41 6.83 -4.28
C LEU B 110 0.16 5.66 -5.07
N VAL B 111 0.95 4.79 -4.47
CA VAL B 111 1.52 3.65 -5.22
C VAL B 111 0.42 2.74 -5.69
N ILE B 112 -0.57 2.48 -4.81
CA ILE B 112 -1.73 1.67 -5.19
C ILE B 112 -2.53 2.28 -6.33
N VAL B 113 -2.73 3.60 -6.29
CA VAL B 113 -3.44 4.29 -7.37
C VAL B 113 -2.65 4.19 -8.69
N LEU B 114 -1.33 4.36 -8.63
CA LEU B 114 -0.53 4.21 -9.87
C LEU B 114 -0.66 2.80 -10.39
N ALA B 115 -0.64 1.80 -9.52
CA ALA B 115 -0.78 0.43 -9.97
C ALA B 115 -2.13 0.26 -10.62
N ARG B 116 -3.20 0.86 -10.07
CA ARG B 116 -4.49 0.64 -10.62
C ARG B 116 -4.59 1.21 -12.03
N HIS B 117 -3.98 2.33 -12.27
CA HIS B 117 -4.14 2.97 -13.58
C HIS B 117 -3.18 2.42 -14.58
N PHE B 118 -2.05 1.92 -14.17
CA PHE B 118 -0.94 1.50 -15.12
C PHE B 118 -0.86 0.02 -15.33
N GLY B 119 -1.54 -0.76 -14.50
CA GLY B 119 -1.66 -2.21 -14.78
C GLY B 119 -0.33 -2.90 -14.86
N LYS B 120 -0.26 -3.71 -15.90
CA LYS B 120 1.00 -4.45 -16.20
C LYS B 120 2.22 -3.59 -16.40
N GLU B 121 2.03 -2.31 -16.76
CA GLU B 121 3.11 -1.37 -16.84
C GLU B 121 3.80 -1.01 -15.50
N PHE B 122 3.06 -1.20 -14.39
CA PHE B 122 3.58 -0.83 -13.08
C PHE B 122 4.24 -2.12 -12.57
N THR B 123 5.38 -2.44 -13.18
CA THR B 123 6.04 -3.69 -12.84
C THR B 123 6.65 -3.65 -11.45
N PRO B 124 7.13 -4.80 -10.95
CA PRO B 124 7.78 -4.79 -9.66
C PRO B 124 8.96 -3.82 -9.64
N ASP B 125 9.75 -3.70 -10.75
CA ASP B 125 10.86 -2.75 -10.83
C ASP B 125 10.40 -1.29 -10.79
N VAL B 126 9.32 -1.01 -11.52
CA VAL B 126 8.79 0.39 -11.49
C VAL B 126 8.20 0.71 -10.12
N GLN B 127 7.48 -0.25 -9.52
CA GLN B 127 7.04 -0.03 -8.12
C GLN B 127 8.21 0.29 -7.21
N ALA B 128 9.31 -0.50 -7.31
CA ALA B 128 10.39 -0.30 -6.36
C ALA B 128 10.98 1.12 -6.47
N ALA B 129 11.04 1.60 -7.73
CA ALA B 129 11.50 2.99 -7.92
C ALA B 129 10.54 4.00 -7.24
N TYR B 130 9.24 3.80 -7.47
CA TYR B 130 8.29 4.71 -6.78
C TYR B 130 8.30 4.59 -5.30
N GLU B 131 8.54 3.39 -4.76
CA GLU B 131 8.66 3.26 -3.32
C GLU B 131 9.80 4.11 -2.74
N LYS B 132 10.91 4.16 -3.47
CA LYS B 132 12.02 5.03 -3.03
C LYS B 132 11.60 6.50 -3.05
N VAL B 133 10.90 6.89 -4.11
CA VAL B 133 10.42 8.29 -4.26
C VAL B 133 9.42 8.69 -3.18
N VAL B 134 8.39 7.88 -2.93
CA VAL B 134 7.42 8.30 -1.95
C VAL B 134 8.02 8.27 -0.55
N ALA B 135 8.99 7.36 -0.27
CA ALA B 135 9.68 7.35 1.05
C ALA B 135 10.43 8.68 1.20
N GLY B 136 11.08 9.07 0.12
CA GLY B 136 11.87 10.33 0.17
C GLY B 136 10.98 11.55 0.31
N VAL B 137 9.81 11.59 -0.34
CA VAL B 137 8.91 12.67 -0.15
C VAL B 137 8.39 12.72 1.30
N ALA B 138 7.99 11.57 1.84
CA ALA B 138 7.55 11.54 3.22
C ALA B 138 8.62 12.04 4.18
N ASN B 139 9.84 11.56 3.99
CA ASN B 139 10.94 11.95 4.88
C ASN B 139 11.18 13.44 4.75
N ALA B 140 11.13 13.93 3.51
CA ALA B 140 11.27 15.37 3.34
C ALA B 140 10.22 16.20 3.98
N LEU B 141 8.92 15.82 3.83
CA LEU B 141 7.84 16.54 4.46
C LEU B 141 7.91 16.51 6.04
N ALA B 142 8.52 15.46 6.56
CA ALA B 142 8.71 15.32 8.00
C ALA B 142 9.94 16.10 8.52
N HIS B 143 10.70 16.75 7.64
CA HIS B 143 11.94 17.40 8.10
C HIS B 143 11.79 18.42 9.24
N LYS B 144 10.75 19.25 9.21
CA LYS B 144 10.47 20.22 10.30
C LYS B 144 10.10 19.61 11.61
N TYR B 145 9.87 18.31 11.64
CA TYR B 145 9.75 17.58 12.92
C TYR B 145 11.08 17.10 13.48
N HIS B 146 12.09 17.07 12.59
CA HIS B 146 13.43 16.59 12.92
C HIS B 146 14.30 17.74 13.51
#